data_7OMR
#
_entry.id   7OMR
#
_cell.length_a   56.445
_cell.length_b   74.166
_cell.length_c   80.346
_cell.angle_alpha   90.000
_cell.angle_beta   90.000
_cell.angle_gamma   90.000
#
_symmetry.space_group_name_H-M   'P 21 2 21'
#
loop_
_entity.id
_entity.type
_entity.pdbx_description
1 polymer 'Coelenterazine h 2-monooxygenase'
2 non-polymer N-[3-BENZYL-5-(4-HYDROXYPHENYL)PYRAZIN-2-YL]-2-(4-HYDROXYPHENYL)ACETAMIDE
3 non-polymer GLYCEROL
4 water water
#
_entity_poly.entity_id   1
_entity_poly.type   'polypeptide(L)'
_entity_poly.pdbx_seq_one_letter_code
;MTSKVYDPEQRKRMITGPQWWARCKQMNVLDSFINYYDSEKHAENAVIFLHGNATSSYLWRHVVPHIEPVARCIIPDLIG
MGKSGKSGNGSYRLLDHYKYLTAWFELLNLPKKIIFVGHDWGAALAFHYAYEHQDRIKAIVHMESVVDVIESWDEWPDIE
EAIALIKSEEGEKMVLENNFFVETVLPSKIMRKLEPEEFAAYLEPFKEKGEVRRPTLSWPREIPLVKGGKPDVVQIVRNY
NAYLRASDDLPKLFIESDPGFFSNAIVEGAKKFPNTEFVKVKGLHFLQEDAPDEMGKYIKSFVERVLKNEQHHHHHH
;
_entity_poly.pdbx_strand_id   A
#
loop_
_chem_comp.id
_chem_comp.type
_chem_comp.name
_chem_comp.formula
CEI non-polymer N-[3-BENZYL-5-(4-HYDROXYPHENYL)PYRAZIN-2-YL]-2-(4-HYDROXYPHENYL)ACETAMIDE 'C25 H21 N3 O3'
GOL non-polymer GLYCEROL 'C3 H8 O3'
#
# COMPACT_ATOMS: atom_id res chain seq x y z
N THR A 2 -16.69 1.26 23.69
CA THR A 2 -15.43 0.51 23.72
C THR A 2 -14.24 1.45 23.47
N SER A 3 -13.07 1.04 23.95
CA SER A 3 -11.86 1.82 23.77
C SER A 3 -10.72 0.87 23.42
N LYS A 4 -9.77 1.36 22.63
CA LYS A 4 -8.53 0.66 22.38
C LYS A 4 -7.45 1.19 23.30
N VAL A 5 -6.41 0.38 23.51
CA VAL A 5 -5.39 0.68 24.49
C VAL A 5 -4.03 0.84 23.80
N TYR A 6 -3.24 1.77 24.31
CA TYR A 6 -1.86 1.93 23.85
C TYR A 6 -1.08 0.66 24.10
N ASP A 7 -0.05 0.44 23.28
CA ASP A 7 0.92 -0.60 23.61
C ASP A 7 1.88 0.02 24.61
N PRO A 8 1.88 -0.45 25.86
CA PRO A 8 2.60 0.28 26.92
C PRO A 8 4.11 0.36 26.75
N GLU A 9 4.69 -0.38 25.80
CA GLU A 9 6.11 -0.31 25.52
C GLU A 9 6.44 0.52 24.29
N GLN A 10 5.41 1.09 23.64
CA GLN A 10 5.61 1.67 22.31
C GLN A 10 6.36 2.99 22.36
N ARG A 11 6.11 3.81 23.38
CA ARG A 11 6.74 5.14 23.39
C ARG A 11 8.25 5.06 23.41
N LYS A 12 8.81 3.86 23.57
CA LYS A 12 10.24 3.68 23.72
C LYS A 12 10.96 3.32 22.44
N ARG A 13 10.29 2.72 21.47
CA ARG A 13 10.87 2.55 20.15
C ARG A 13 10.14 3.39 19.12
N MET A 14 9.23 4.27 19.57
CA MET A 14 8.40 5.07 18.70
C MET A 14 9.25 5.91 17.74
N ILE A 15 8.77 6.04 16.51
CA ILE A 15 9.38 6.92 15.51
C ILE A 15 8.34 7.98 15.19
N THR A 16 8.65 9.24 15.46
CA THR A 16 7.70 10.30 15.16
C THR A 16 7.73 10.62 13.67
N GLY A 17 6.74 11.39 13.23
CA GLY A 17 6.70 11.89 11.87
C GLY A 17 7.99 12.56 11.45
N PRO A 18 8.37 13.63 12.16
CA PRO A 18 9.60 14.36 11.77
C PRO A 18 10.85 13.51 11.82
N GLN A 19 10.94 12.54 12.73
CA GLN A 19 12.08 11.63 12.74
C GLN A 19 12.15 10.82 11.46
N TRP A 20 11.00 10.33 10.98
CA TRP A 20 10.96 9.57 9.74
C TRP A 20 11.26 10.46 8.54
N TRP A 21 10.58 11.60 8.45
CA TRP A 21 10.77 12.48 7.30
C TRP A 21 12.21 12.94 7.16
N ALA A 22 12.90 13.13 8.29
CA ALA A 22 14.29 13.59 8.23
C ALA A 22 15.22 12.54 7.61
N ARG A 23 14.84 11.26 7.67
CA ARG A 23 15.60 10.17 7.08
C ARG A 23 15.28 9.95 5.62
N CYS A 24 14.30 10.67 5.08
CA CYS A 24 13.91 10.50 3.69
C CYS A 24 14.69 11.44 2.79
N LYS A 25 14.59 11.16 1.50
CA LYS A 25 15.21 11.91 0.41
C LYS A 25 14.12 12.39 -0.53
N GLN A 26 14.46 13.38 -1.35
CA GLN A 26 13.52 13.86 -2.36
C GLN A 26 14.18 13.87 -3.72
N MET A 27 13.37 13.61 -4.75
CA MET A 27 13.83 13.56 -6.13
C MET A 27 12.77 14.21 -7.01
N ASN A 28 13.18 15.15 -7.87
CA ASN A 28 12.23 15.65 -8.87
C ASN A 28 11.85 14.52 -9.83
N VAL A 29 10.54 14.44 -10.14
CA VAL A 29 9.98 13.42 -11.02
C VAL A 29 8.94 14.10 -11.89
N LEU A 30 9.16 14.10 -13.21
CA LEU A 30 8.27 14.78 -14.15
C LEU A 30 8.06 16.23 -13.74
N ASP A 31 6.81 16.62 -13.46
CA ASP A 31 6.48 17.98 -13.04
C ASP A 31 6.31 18.13 -11.54
N SER A 32 6.80 17.16 -10.75
CA SER A 32 6.59 17.22 -9.31
C SER A 32 7.79 16.61 -8.61
N PHE A 33 7.60 15.96 -7.46
CA PHE A 33 8.72 15.31 -6.79
C PHE A 33 8.18 14.20 -5.89
N ILE A 34 9.05 13.24 -5.58
CA ILE A 34 8.73 12.11 -4.72
C ILE A 34 9.62 12.18 -3.50
N ASN A 35 9.02 12.05 -2.33
CA ASN A 35 9.73 11.88 -1.08
C ASN A 35 9.81 10.39 -0.79
N TYR A 36 10.99 9.89 -0.38
CA TYR A 36 11.12 8.45 -0.23
C TYR A 36 12.24 8.09 0.73
N TYR A 37 12.11 6.91 1.32
CA TYR A 37 13.17 6.30 2.13
C TYR A 37 13.99 5.36 1.24
N ASP A 38 15.31 5.35 1.43
CA ASP A 38 16.20 4.49 0.65
C ASP A 38 17.32 4.00 1.57
N SER A 39 17.38 2.69 1.86
CA SER A 39 18.41 2.23 2.79
C SER A 39 19.77 2.07 2.11
N GLU A 40 19.80 2.15 0.78
CA GLU A 40 21.00 2.26 -0.05
C GLU A 40 21.86 1.00 -0.14
N LYS A 41 22.19 0.40 0.99
CA LYS A 41 23.11 -0.73 1.01
C LYS A 41 22.51 -1.97 0.33
N HIS A 42 23.38 -2.81 -0.23
CA HIS A 42 23.00 -4.10 -0.82
C HIS A 42 22.11 -3.89 -2.04
N ALA A 43 22.52 -2.98 -2.91
CA ALA A 43 21.72 -2.53 -4.05
C ALA A 43 21.69 -3.54 -5.20
N GLU A 44 22.37 -4.67 -5.07
CA GLU A 44 22.21 -5.72 -6.08
C GLU A 44 20.78 -6.22 -6.14
N ASN A 45 20.01 -6.03 -5.07
CA ASN A 45 18.58 -6.25 -5.07
C ASN A 45 17.89 -4.96 -4.63
N ALA A 46 16.59 -4.88 -4.91
CA ALA A 46 15.79 -3.76 -4.46
C ALA A 46 14.41 -4.27 -4.05
N VAL A 47 14.01 -3.95 -2.83
CA VAL A 47 12.68 -4.23 -2.31
C VAL A 47 11.93 -2.91 -2.21
N ILE A 48 10.86 -2.78 -3.00
CA ILE A 48 10.10 -1.54 -3.08
C ILE A 48 8.79 -1.73 -2.32
N PHE A 49 8.61 -0.97 -1.24
CA PHE A 49 7.43 -1.08 -0.39
C PHE A 49 6.44 0.00 -0.78
N LEU A 50 5.20 -0.38 -1.11
CA LEU A 50 4.17 0.56 -1.57
C LEU A 50 2.99 0.57 -0.61
N HIS A 51 2.81 1.68 0.10
CA HIS A 51 1.62 1.91 0.91
C HIS A 51 0.39 2.12 0.02
N GLY A 52 -0.78 2.24 0.65
CA GLY A 52 -2.04 2.48 -0.03
C GLY A 52 -2.75 3.70 0.52
N ASN A 53 -4.09 3.61 0.54
CA ASN A 53 -4.85 4.78 0.96
C ASN A 53 -4.62 5.11 2.44
N ALA A 54 -4.71 6.42 2.74
CA ALA A 54 -4.70 7.03 4.07
C ALA A 54 -3.30 7.11 4.67
N THR A 55 -2.34 6.36 4.14
CA THR A 55 -1.04 6.22 4.78
C THR A 55 0.06 6.83 3.92
N SER A 56 1.30 6.43 4.18
CA SER A 56 2.49 6.93 3.50
C SER A 56 3.62 5.93 3.77
N SER A 57 4.83 6.30 3.34
CA SER A 57 5.99 5.44 3.61
C SER A 57 6.14 5.16 5.10
N TYR A 58 5.68 6.10 5.93
CA TYR A 58 5.72 5.96 7.39
C TYR A 58 5.12 4.64 7.87
N LEU A 59 4.15 4.12 7.13
CA LEU A 59 3.50 2.85 7.47
C LEU A 59 4.50 1.72 7.65
N TRP A 60 5.63 1.78 6.96
CA TRP A 60 6.59 0.68 6.93
C TRP A 60 7.78 0.88 7.87
N ARG A 61 7.75 1.92 8.72
CA ARG A 61 8.94 2.32 9.47
C ARG A 61 9.49 1.22 10.39
N HIS A 62 8.63 0.37 10.97
CA HIS A 62 9.11 -0.70 11.85
C HIS A 62 9.24 -2.03 11.12
N VAL A 63 8.79 -2.11 9.87
CA VAL A 63 8.95 -3.31 9.07
C VAL A 63 10.30 -3.33 8.38
N VAL A 64 10.68 -2.20 7.76
CA VAL A 64 11.84 -2.14 6.88
C VAL A 64 13.17 -2.48 7.57
N PRO A 65 13.39 -2.17 8.86
CA PRO A 65 14.71 -2.51 9.43
C PRO A 65 15.02 -4.00 9.38
N HIS A 66 14.00 -4.85 9.37
CA HIS A 66 14.24 -6.29 9.29
C HIS A 66 14.82 -6.70 7.94
N ILE A 67 14.51 -5.96 6.88
CA ILE A 67 14.87 -6.37 5.52
C ILE A 67 16.11 -5.63 5.01
N GLU A 68 16.43 -4.45 5.55
CA GLU A 68 17.61 -3.70 5.12
C GLU A 68 18.90 -4.51 5.08
N PRO A 69 19.19 -5.44 6.00
CA PRO A 69 20.47 -6.17 5.93
C PRO A 69 20.62 -7.06 4.71
N VAL A 70 19.53 -7.42 4.04
CA VAL A 70 19.59 -8.37 2.94
C VAL A 70 19.40 -7.72 1.57
N ALA A 71 18.82 -6.52 1.50
CA ALA A 71 18.55 -5.90 0.21
C ALA A 71 18.32 -4.42 0.43
N ARG A 72 18.62 -3.63 -0.60
CA ARG A 72 18.25 -2.23 -0.62
C ARG A 72 16.74 -2.08 -0.56
N CYS A 73 16.25 -1.29 0.38
CA CYS A 73 14.83 -1.08 0.59
C CYS A 73 14.48 0.36 0.21
N ILE A 74 13.45 0.53 -0.61
CA ILE A 74 13.06 1.83 -1.14
C ILE A 74 11.57 2.00 -0.93
N ILE A 75 11.18 3.11 -0.31
CA ILE A 75 9.81 3.27 0.18
C ILE A 75 9.32 4.67 -0.17
N PRO A 76 8.52 4.83 -1.22
CA PRO A 76 8.05 6.17 -1.59
C PRO A 76 6.78 6.57 -0.84
N ASP A 77 6.61 7.88 -0.70
CA ASP A 77 5.29 8.46 -0.50
C ASP A 77 4.68 8.61 -1.87
N LEU A 78 3.51 8.01 -2.09
CA LEU A 78 2.83 8.17 -3.36
C LEU A 78 2.50 9.65 -3.58
N ILE A 79 2.34 10.02 -4.86
CA ILE A 79 2.09 11.42 -5.19
C ILE A 79 0.84 11.93 -4.45
N GLY A 80 0.92 13.17 -3.97
CA GLY A 80 -0.13 13.74 -3.16
C GLY A 80 -0.24 13.21 -1.75
N MET A 81 0.64 12.31 -1.34
CA MET A 81 0.56 11.69 -0.03
C MET A 81 1.89 11.85 0.69
N GLY A 82 1.89 11.64 1.99
CA GLY A 82 3.10 11.84 2.78
C GLY A 82 3.70 13.19 2.53
N LYS A 83 5.03 13.22 2.31
CA LYS A 83 5.73 14.46 2.03
C LYS A 83 6.09 14.61 0.56
N SER A 84 5.44 13.83 -0.33
CA SER A 84 5.70 13.96 -1.75
C SER A 84 5.03 15.22 -2.31
N GLY A 85 5.43 15.56 -3.53
CA GLY A 85 4.79 16.64 -4.25
C GLY A 85 3.37 16.28 -4.66
N LYS A 86 2.66 17.25 -5.22
CA LYS A 86 1.31 17.01 -5.68
C LYS A 86 1.29 16.60 -7.16
N SER A 87 0.15 16.05 -7.58
CA SER A 87 -0.01 15.63 -8.96
C SER A 87 -0.18 16.84 -9.87
N GLY A 88 0.62 16.90 -10.94
CA GLY A 88 0.62 18.07 -11.83
C GLY A 88 -0.72 18.34 -12.50
N ASN A 89 -1.47 17.29 -12.83
CA ASN A 89 -2.76 17.48 -13.45
C ASN A 89 -3.90 17.54 -12.45
N GLY A 90 -3.57 17.58 -11.15
CA GLY A 90 -4.58 17.65 -10.11
C GLY A 90 -5.34 16.38 -9.86
N SER A 91 -4.95 15.26 -10.48
CA SER A 91 -5.73 14.04 -10.45
C SER A 91 -4.92 12.92 -9.78
N TYR A 92 -5.64 12.02 -9.09
CA TYR A 92 -5.05 11.04 -8.20
C TYR A 92 -5.68 9.67 -8.42
N ARG A 93 -5.97 9.35 -9.68
CA ARG A 93 -6.45 8.04 -10.05
C ARG A 93 -5.28 7.05 -10.09
N LEU A 94 -5.61 5.75 -10.17
CA LEU A 94 -4.55 4.75 -10.20
C LEU A 94 -3.50 5.07 -11.27
N LEU A 95 -3.94 5.45 -12.46
CA LEU A 95 -2.97 5.68 -13.54
C LEU A 95 -2.16 6.95 -13.33
N ASP A 96 -2.71 7.95 -12.62
CA ASP A 96 -1.90 9.11 -12.26
C ASP A 96 -0.77 8.73 -11.31
N HIS A 97 -1.10 7.93 -10.28
CA HIS A 97 -0.07 7.43 -9.37
C HIS A 97 0.97 6.63 -10.12
N TYR A 98 0.51 5.79 -11.05
CA TYR A 98 1.41 4.91 -11.80
C TYR A 98 2.36 5.71 -12.67
N LYS A 99 1.88 6.81 -13.26
CA LYS A 99 2.74 7.69 -14.05
C LYS A 99 3.95 8.16 -13.25
N TYR A 100 3.73 8.66 -12.04
CA TYR A 100 4.87 9.14 -11.24
C TYR A 100 5.73 7.98 -10.76
N LEU A 101 5.11 6.86 -10.37
CA LEU A 101 5.89 5.74 -9.86
C LEU A 101 6.85 5.19 -10.91
N THR A 102 6.37 5.01 -12.15
CA THR A 102 7.25 4.47 -13.17
C THR A 102 8.32 5.46 -13.59
N ALA A 103 7.99 6.76 -13.64
CA ALA A 103 9.01 7.77 -13.92
C ALA A 103 10.06 7.81 -12.82
N TRP A 104 9.63 7.65 -11.56
CA TRP A 104 10.55 7.64 -10.44
C TRP A 104 11.47 6.42 -10.49
N PHE A 105 10.92 5.25 -10.86
CA PHE A 105 11.73 4.04 -10.99
C PHE A 105 12.92 4.25 -11.92
N GLU A 106 12.71 5.01 -13.02
CA GLU A 106 13.77 5.23 -13.99
C GLU A 106 14.96 5.99 -13.40
N LEU A 107 14.78 6.66 -12.27
CA LEU A 107 15.83 7.46 -11.67
C LEU A 107 16.54 6.77 -10.52
N LEU A 108 16.20 5.52 -10.22
CA LEU A 108 16.65 4.89 -8.98
C LEU A 108 17.82 3.93 -9.15
N ASN A 109 18.30 3.71 -10.37
N ASN A 109 18.30 3.70 -10.37
CA ASN A 109 19.36 2.73 -10.64
CA ASN A 109 19.36 2.72 -10.64
C ASN A 109 18.99 1.34 -10.12
C ASN A 109 18.98 1.35 -10.09
N LEU A 110 17.82 0.86 -10.54
CA LEU A 110 17.28 -0.39 -10.04
C LEU A 110 17.93 -1.58 -10.74
N PRO A 111 17.97 -2.74 -10.09
CA PRO A 111 18.40 -3.96 -10.77
C PRO A 111 17.37 -4.38 -11.81
N LYS A 112 17.74 -5.38 -12.62
CA LYS A 112 16.82 -5.81 -13.66
C LYS A 112 15.55 -6.40 -13.06
N LYS A 113 15.67 -7.15 -11.97
CA LYS A 113 14.50 -7.78 -11.36
C LYS A 113 14.33 -7.27 -9.93
N ILE A 114 13.12 -6.82 -9.63
CA ILE A 114 12.79 -6.08 -8.42
C ILE A 114 11.83 -6.93 -7.56
N ILE A 115 11.92 -6.74 -6.24
CA ILE A 115 10.95 -7.32 -5.31
C ILE A 115 10.01 -6.23 -4.88
N PHE A 116 8.70 -6.49 -4.96
CA PHE A 116 7.68 -5.55 -4.51
C PHE A 116 7.02 -6.04 -3.23
N VAL A 117 6.70 -5.10 -2.34
CA VAL A 117 5.90 -5.35 -1.15
C VAL A 117 4.75 -4.35 -1.18
N GLY A 118 3.53 -4.83 -1.32
CA GLY A 118 2.39 -3.95 -1.52
C GLY A 118 1.26 -4.15 -0.54
N HIS A 119 0.65 -3.05 -0.12
CA HIS A 119 -0.51 -3.01 0.76
C HIS A 119 -1.62 -2.24 0.05
N ASP A 120 -2.83 -2.80 0.05
CA ASP A 120 -4.02 -2.05 -0.41
C ASP A 120 -3.77 -1.56 -1.83
N TRP A 121 -3.99 -0.29 -2.15
CA TRP A 121 -3.78 0.19 -3.50
C TRP A 121 -2.32 0.19 -3.91
N GLY A 122 -1.39 0.17 -2.94
CA GLY A 122 0.00 -0.02 -3.29
C GLY A 122 0.24 -1.36 -3.95
N ALA A 123 -0.50 -2.38 -3.54
CA ALA A 123 -0.39 -3.67 -4.20
C ALA A 123 -0.95 -3.62 -5.63
N ALA A 124 -2.05 -2.87 -5.84
CA ALA A 124 -2.55 -2.68 -7.21
C ALA A 124 -1.48 -2.06 -8.09
N LEU A 125 -0.77 -1.06 -7.59
CA LEU A 125 0.31 -0.45 -8.36
C LEU A 125 1.38 -1.48 -8.70
N ALA A 126 1.78 -2.30 -7.72
CA ALA A 126 2.80 -3.31 -7.98
C ALA A 126 2.30 -4.34 -8.99
N PHE A 127 1.05 -4.78 -8.86
CA PHE A 127 0.50 -5.77 -9.77
C PHE A 127 0.46 -5.23 -11.20
N HIS A 128 0.03 -3.98 -11.35
CA HIS A 128 -0.04 -3.39 -12.68
C HIS A 128 1.36 -3.19 -13.27
N TYR A 129 2.32 -2.72 -12.45
CA TYR A 129 3.69 -2.65 -12.93
C TYR A 129 4.19 -4.02 -13.41
N ALA A 130 3.98 -5.05 -12.58
CA ALA A 130 4.39 -6.40 -12.95
C ALA A 130 3.75 -6.85 -14.26
N TYR A 131 2.45 -6.61 -14.44
CA TYR A 131 1.79 -7.01 -15.68
C TYR A 131 2.46 -6.37 -16.89
N GLU A 132 2.84 -5.10 -16.78
CA GLU A 132 3.45 -4.36 -17.87
C GLU A 132 4.95 -4.57 -17.99
N HIS A 133 5.59 -5.21 -17.01
CA HIS A 133 7.05 -5.38 -17.00
C HIS A 133 7.36 -6.77 -16.45
N GLN A 134 6.86 -7.79 -17.16
CA GLN A 134 6.87 -9.14 -16.60
C GLN A 134 8.28 -9.69 -16.44
N ASP A 135 9.27 -9.13 -17.13
CA ASP A 135 10.66 -9.55 -17.00
C ASP A 135 11.43 -8.81 -15.92
N ARG A 136 10.78 -7.90 -15.17
CA ARG A 136 11.46 -7.09 -14.18
C ARG A 136 11.11 -7.47 -12.74
N ILE A 137 10.45 -8.62 -12.53
CA ILE A 137 9.85 -8.96 -11.25
C ILE A 137 10.52 -10.20 -10.68
N LYS A 138 11.15 -10.05 -9.51
CA LYS A 138 11.77 -11.18 -8.83
C LYS A 138 10.81 -11.88 -7.87
N ALA A 139 9.93 -11.14 -7.21
CA ALA A 139 8.98 -11.68 -6.25
C ALA A 139 8.00 -10.58 -5.88
N ILE A 140 6.83 -10.99 -5.36
CA ILE A 140 5.85 -10.02 -4.87
C ILE A 140 5.35 -10.48 -3.51
N VAL A 141 5.44 -9.59 -2.52
CA VAL A 141 4.76 -9.73 -1.24
C VAL A 141 3.52 -8.86 -1.29
N HIS A 142 2.37 -9.39 -0.90
CA HIS A 142 1.18 -8.55 -0.85
C HIS A 142 0.34 -8.87 0.37
N MET A 143 -0.52 -7.91 0.74
CA MET A 143 -1.32 -7.98 1.94
C MET A 143 -2.46 -6.99 1.80
N GLU A 144 -3.67 -7.40 2.22
CA GLU A 144 -4.83 -6.52 2.19
C GLU A 144 -4.94 -5.82 0.84
N SER A 145 -4.76 -6.61 -0.22
CA SER A 145 -4.43 -6.14 -1.55
C SER A 145 -5.62 -6.19 -2.50
N VAL A 146 -5.54 -5.35 -3.54
CA VAL A 146 -6.55 -5.34 -4.60
C VAL A 146 -6.25 -6.48 -5.57
N VAL A 147 -6.71 -7.69 -5.22
CA VAL A 147 -6.30 -8.89 -5.97
C VAL A 147 -7.13 -9.09 -7.24
N ASP A 148 -8.40 -8.67 -7.26
CA ASP A 148 -9.28 -9.01 -8.37
C ASP A 148 -10.44 -8.01 -8.42
N VAL A 149 -11.20 -8.07 -9.50
CA VAL A 149 -12.42 -7.27 -9.62
C VAL A 149 -13.47 -7.82 -8.66
N ILE A 150 -14.56 -7.08 -8.50
CA ILE A 150 -15.69 -7.50 -7.68
C ILE A 150 -16.91 -7.63 -8.60
N GLU A 151 -17.29 -8.86 -8.90
CA GLU A 151 -18.45 -9.07 -9.77
C GLU A 151 -19.74 -8.71 -9.04
N SER A 152 -20.78 -8.40 -9.82
CA SER A 152 -22.01 -7.91 -9.22
C SER A 152 -22.66 -8.97 -8.33
N TRP A 153 -22.54 -10.25 -8.68
CA TRP A 153 -23.10 -11.28 -7.82
C TRP A 153 -22.23 -11.55 -6.59
N ASP A 154 -21.07 -10.91 -6.47
CA ASP A 154 -20.28 -10.96 -5.25
C ASP A 154 -20.36 -9.65 -4.47
N GLU A 155 -21.21 -8.73 -4.92
CA GLU A 155 -21.35 -7.40 -4.35
C GLU A 155 -22.67 -7.33 -3.60
N TRP A 156 -22.59 -7.22 -2.28
CA TRP A 156 -23.77 -7.17 -1.42
C TRP A 156 -24.21 -5.71 -1.24
N PRO A 157 -25.43 -5.48 -0.75
CA PRO A 157 -25.96 -4.10 -0.76
C PRO A 157 -25.15 -3.10 0.06
N ASP A 158 -24.55 -3.53 1.18
CA ASP A 158 -23.84 -2.58 2.04
C ASP A 158 -22.63 -1.98 1.33
N ILE A 159 -21.86 -2.81 0.62
CA ILE A 159 -20.73 -2.27 -0.13
C ILE A 159 -21.22 -1.43 -1.30
N GLU A 160 -22.32 -1.84 -1.93
CA GLU A 160 -22.89 -1.04 -3.01
C GLU A 160 -23.26 0.35 -2.53
N GLU A 161 -23.91 0.43 -1.37
CA GLU A 161 -24.34 1.74 -0.87
C GLU A 161 -23.18 2.55 -0.30
N ALA A 162 -22.17 1.87 0.25
CA ALA A 162 -20.98 2.60 0.73
C ALA A 162 -20.23 3.24 -0.42
N ILE A 163 -20.10 2.54 -1.54
CA ILE A 163 -19.44 3.13 -2.69
C ILE A 163 -20.32 4.21 -3.32
N ALA A 164 -21.64 4.00 -3.34
CA ALA A 164 -22.52 5.08 -3.78
C ALA A 164 -22.34 6.32 -2.92
N LEU A 165 -22.21 6.14 -1.60
CA LEU A 165 -21.97 7.29 -0.73
C LEU A 165 -20.64 7.95 -1.06
N ILE A 166 -19.58 7.15 -1.16
CA ILE A 166 -18.25 7.73 -1.39
C ILE A 166 -18.19 8.42 -2.75
N LYS A 167 -19.00 7.98 -3.73
CA LYS A 167 -19.02 8.60 -5.06
C LYS A 167 -19.95 9.81 -5.15
N SER A 168 -20.64 10.15 -4.07
CA SER A 168 -21.58 11.26 -4.00
C SER A 168 -20.92 12.49 -3.39
N GLU A 169 -21.64 13.62 -3.48
CA GLU A 169 -21.18 14.87 -2.86
C GLU A 169 -21.05 14.73 -1.35
N GLU A 170 -21.93 13.94 -0.73
CA GLU A 170 -21.80 13.70 0.70
C GLU A 170 -20.51 12.94 1.01
N GLY A 171 -20.13 12.02 0.13
CA GLY A 171 -18.86 11.33 0.31
C GLY A 171 -17.68 12.26 0.13
N GLU A 172 -17.75 13.15 -0.87
N GLU A 172 -17.76 13.17 -0.86
CA GLU A 172 -16.69 14.12 -1.06
CA GLU A 172 -16.68 14.13 -1.07
C GLU A 172 -16.52 14.98 0.19
C GLU A 172 -16.52 15.05 0.14
N LYS A 173 -17.62 15.47 0.75
CA LYS A 173 -17.51 16.34 1.92
C LYS A 173 -17.03 15.56 3.15
N MET A 174 -17.46 14.31 3.32
CA MET A 174 -17.01 13.59 4.49
C MET A 174 -15.51 13.32 4.45
N VAL A 175 -14.90 13.30 3.26
CA VAL A 175 -13.46 13.15 3.16
C VAL A 175 -12.76 14.51 3.15
N LEU A 176 -13.15 15.41 2.23
CA LEU A 176 -12.40 16.66 2.10
C LEU A 176 -12.64 17.58 3.29
N GLU A 177 -13.87 17.63 3.80
CA GLU A 177 -14.14 18.48 4.95
C GLU A 177 -13.91 17.75 6.28
N ASN A 178 -14.24 16.46 6.37
CA ASN A 178 -14.20 15.79 7.66
C ASN A 178 -13.12 14.72 7.76
N ASN A 179 -12.30 14.53 6.73
CA ASN A 179 -11.09 13.69 6.80
C ASN A 179 -11.41 12.25 7.22
N PHE A 180 -12.50 11.69 6.68
CA PHE A 180 -13.02 10.41 7.12
C PHE A 180 -11.96 9.31 7.11
N PHE A 181 -11.14 9.23 6.07
CA PHE A 181 -10.28 8.05 5.99
C PHE A 181 -9.10 8.12 6.94
N VAL A 182 -8.61 9.32 7.24
CA VAL A 182 -7.48 9.46 8.16
C VAL A 182 -7.95 9.51 9.62
N GLU A 183 -9.04 10.25 9.89
CA GLU A 183 -9.49 10.44 11.26
C GLU A 183 -10.31 9.28 11.78
N THR A 184 -11.01 8.55 10.91
CA THR A 184 -11.92 7.50 11.35
C THR A 184 -11.48 6.12 10.85
N VAL A 185 -11.36 5.93 9.54
CA VAL A 185 -11.06 4.59 9.02
C VAL A 185 -9.72 4.09 9.53
N LEU A 186 -8.68 4.93 9.45
CA LEU A 186 -7.34 4.48 9.83
C LEU A 186 -7.26 3.99 11.27
N PRO A 187 -7.63 4.78 12.29
CA PRO A 187 -7.58 4.22 13.67
C PRO A 187 -8.58 3.11 13.90
N SER A 188 -9.73 3.12 13.21
CA SER A 188 -10.69 2.04 13.41
C SER A 188 -10.15 0.70 12.93
N LYS A 189 -9.17 0.69 12.03
CA LYS A 189 -8.65 -0.56 11.47
C LYS A 189 -7.22 -0.84 11.91
N ILE A 190 -6.86 -0.30 13.07
CA ILE A 190 -5.67 -0.65 13.83
C ILE A 190 -6.16 -1.19 15.17
N MET A 191 -5.63 -2.33 15.60
CA MET A 191 -6.15 -2.94 16.81
C MET A 191 -5.65 -2.23 18.07
N ARG A 192 -4.38 -1.85 18.11
CA ARG A 192 -3.89 -1.05 19.21
C ARG A 192 -4.34 0.41 19.03
N LYS A 193 -4.15 1.20 20.08
CA LYS A 193 -4.27 2.65 19.94
C LYS A 193 -2.90 3.24 19.61
N LEU A 194 -2.84 4.00 18.53
CA LEU A 194 -1.61 4.69 18.20
C LEU A 194 -1.24 5.68 19.29
N GLU A 195 0.07 5.84 19.50
CA GLU A 195 0.55 6.97 20.28
C GLU A 195 0.11 8.27 19.59
N PRO A 196 -0.12 9.34 20.35
CA PRO A 196 -0.51 10.61 19.71
C PRO A 196 0.45 11.05 18.62
N GLU A 197 1.76 10.85 18.83
CA GLU A 197 2.74 11.29 17.85
C GLU A 197 2.70 10.44 16.59
N GLU A 198 2.31 9.17 16.71
CA GLU A 198 2.16 8.31 15.54
C GLU A 198 0.94 8.72 14.73
N PHE A 199 -0.19 8.94 15.39
CA PHE A 199 -1.34 9.43 14.65
C PHE A 199 -1.05 10.76 13.99
N ALA A 200 -0.31 11.65 14.67
CA ALA A 200 0.00 12.95 14.08
C ALA A 200 0.82 12.82 12.81
N ALA A 201 1.63 11.77 12.68
CA ALA A 201 2.39 11.57 11.44
C ALA A 201 1.47 11.23 10.28
N TYR A 202 0.39 10.51 10.55
CA TYR A 202 -0.56 10.21 9.51
C TYR A 202 -1.46 11.40 9.21
N LEU A 203 -1.78 12.19 10.24
CA LEU A 203 -2.64 13.35 10.03
C LEU A 203 -1.92 14.46 9.26
N GLU A 204 -0.61 14.61 9.47
CA GLU A 204 0.07 15.84 9.04
C GLU A 204 -0.12 16.19 7.57
N PRO A 205 0.05 15.27 6.60
CA PRO A 205 -0.17 15.66 5.19
C PRO A 205 -1.58 16.16 4.94
N PHE A 206 -2.55 15.71 5.74
CA PHE A 206 -3.97 15.96 5.53
C PHE A 206 -4.58 16.79 6.66
N LYS A 207 -3.76 17.57 7.37
CA LYS A 207 -4.26 18.29 8.54
C LYS A 207 -5.18 19.43 8.13
N GLU A 208 -4.93 20.07 6.99
CA GLU A 208 -5.78 21.16 6.55
C GLU A 208 -7.01 20.62 5.80
N LYS A 209 -8.09 21.37 5.87
CA LYS A 209 -9.33 21.02 5.19
C LYS A 209 -9.20 21.20 3.69
N GLY A 210 -9.97 20.41 2.95
CA GLY A 210 -10.15 20.68 1.54
C GLY A 210 -9.35 19.80 0.60
N GLU A 211 -8.94 20.41 -0.52
CA GLU A 211 -8.44 19.66 -1.67
C GLU A 211 -7.19 18.83 -1.34
N VAL A 212 -6.41 19.21 -0.33
CA VAL A 212 -5.21 18.43 0.00
C VAL A 212 -5.56 16.99 0.34
N ARG A 213 -6.80 16.73 0.77
CA ARG A 213 -7.23 15.38 1.12
C ARG A 213 -7.70 14.58 -0.09
N ARG A 214 -7.66 15.16 -1.29
CA ARG A 214 -8.15 14.50 -2.50
C ARG A 214 -7.66 13.07 -2.70
N PRO A 215 -6.37 12.72 -2.52
CA PRO A 215 -5.99 11.32 -2.78
C PRO A 215 -6.76 10.32 -1.92
N THR A 216 -7.18 10.70 -0.71
CA THR A 216 -7.87 9.74 0.14
C THR A 216 -9.33 9.56 -0.27
N LEU A 217 -9.87 10.46 -1.09
CA LEU A 217 -11.17 10.27 -1.72
C LEU A 217 -11.04 9.57 -3.06
N SER A 218 -10.00 9.90 -3.84
CA SER A 218 -9.88 9.33 -5.18
C SER A 218 -9.60 7.83 -5.14
N TRP A 219 -8.84 7.36 -4.14
CA TRP A 219 -8.55 5.93 -4.09
C TRP A 219 -9.80 5.07 -3.99
N PRO A 220 -10.69 5.26 -3.00
CA PRO A 220 -11.85 4.36 -2.93
C PRO A 220 -12.76 4.49 -4.14
N ARG A 221 -12.75 5.65 -4.81
CA ARG A 221 -13.54 5.82 -6.03
C ARG A 221 -13.01 5.00 -7.20
N GLU A 222 -11.80 4.44 -7.09
CA GLU A 222 -11.23 3.55 -8.10
C GLU A 222 -11.69 2.11 -7.94
N ILE A 223 -12.50 1.78 -6.94
CA ILE A 223 -12.78 0.39 -6.59
C ILE A 223 -13.23 -0.38 -7.82
N PRO A 224 -12.66 -1.55 -8.09
CA PRO A 224 -12.98 -2.27 -9.34
C PRO A 224 -14.26 -3.10 -9.25
N LEU A 225 -15.38 -2.41 -8.96
CA LEU A 225 -16.69 -3.04 -9.11
C LEU A 225 -17.01 -3.17 -10.59
N VAL A 226 -17.22 -4.41 -11.06
CA VAL A 226 -17.58 -4.58 -12.46
C VAL A 226 -18.86 -3.82 -12.77
N LYS A 227 -19.79 -3.80 -11.83
CA LYS A 227 -21.02 -3.02 -11.94
C LYS A 227 -20.76 -1.62 -11.40
N GLY A 228 -20.55 -0.67 -12.30
CA GLY A 228 -20.46 0.73 -11.93
C GLY A 228 -19.06 1.25 -11.63
N GLY A 229 -18.05 0.39 -11.55
CA GLY A 229 -16.71 0.86 -11.30
C GLY A 229 -16.05 1.43 -12.54
N LYS A 230 -15.00 2.22 -12.32
CA LYS A 230 -14.23 2.81 -13.39
C LYS A 230 -13.81 1.75 -14.39
N PRO A 231 -14.27 1.83 -15.65
CA PRO A 231 -13.93 0.78 -16.62
C PRO A 231 -12.44 0.60 -16.84
N ASP A 232 -11.65 1.67 -16.81
CA ASP A 232 -10.21 1.50 -17.03
C ASP A 232 -9.57 0.72 -15.88
N VAL A 233 -9.99 0.99 -14.64
CA VAL A 233 -9.43 0.23 -13.52
C VAL A 233 -9.91 -1.22 -13.56
N VAL A 234 -11.18 -1.45 -13.89
CA VAL A 234 -11.67 -2.83 -13.95
C VAL A 234 -10.86 -3.63 -14.96
N GLN A 235 -10.51 -3.02 -16.10
CA GLN A 235 -9.73 -3.74 -17.10
C GLN A 235 -8.28 -3.95 -16.63
N ILE A 236 -7.68 -2.94 -16.00
CA ILE A 236 -6.34 -3.10 -15.45
C ILE A 236 -6.31 -4.27 -14.47
N VAL A 237 -7.32 -4.35 -13.60
CA VAL A 237 -7.30 -5.41 -12.58
C VAL A 237 -7.57 -6.76 -13.23
N ARG A 238 -8.49 -6.83 -14.20
CA ARG A 238 -8.71 -8.07 -14.92
C ARG A 238 -7.41 -8.54 -15.57
N ASN A 239 -6.69 -7.62 -16.20
CA ASN A 239 -5.47 -7.99 -16.91
C ASN A 239 -4.43 -8.53 -15.94
N TYR A 240 -4.16 -7.79 -14.87
CA TYR A 240 -3.11 -8.29 -14.00
C TYR A 240 -3.54 -9.49 -13.18
N ASN A 241 -4.85 -9.66 -12.94
CA ASN A 241 -5.30 -10.86 -12.24
C ASN A 241 -5.06 -12.12 -13.06
N ALA A 242 -5.37 -12.07 -14.36
CA ALA A 242 -5.12 -13.23 -15.21
C ALA A 242 -3.62 -13.53 -15.29
N TYR A 243 -2.79 -12.49 -15.39
CA TYR A 243 -1.34 -12.67 -15.40
C TYR A 243 -0.87 -13.31 -14.10
N LEU A 244 -1.41 -12.87 -12.96
CA LEU A 244 -0.96 -13.42 -11.68
C LEU A 244 -1.40 -14.87 -11.51
N ARG A 245 -2.59 -15.21 -12.02
CA ARG A 245 -3.09 -16.58 -11.91
C ARG A 245 -2.24 -17.55 -12.72
N ALA A 246 -1.56 -17.06 -13.75
CA ALA A 246 -0.73 -17.89 -14.61
C ALA A 246 0.75 -17.80 -14.28
N SER A 247 1.15 -17.03 -13.27
CA SER A 247 2.56 -16.73 -13.05
C SER A 247 3.21 -17.78 -12.14
N ASP A 248 3.31 -19.01 -12.67
CA ASP A 248 3.77 -20.14 -11.86
C ASP A 248 5.20 -19.95 -11.37
N ASP A 249 6.03 -19.24 -12.13
CA ASP A 249 7.44 -19.11 -11.77
C ASP A 249 7.76 -17.83 -11.00
N LEU A 250 6.73 -17.07 -10.60
CA LEU A 250 6.94 -15.86 -9.83
C LEU A 250 6.65 -16.14 -8.36
N PRO A 251 7.66 -16.17 -7.48
CA PRO A 251 7.39 -16.46 -6.07
C PRO A 251 6.67 -15.30 -5.40
N LYS A 252 5.67 -15.66 -4.61
CA LYS A 252 4.82 -14.68 -3.93
C LYS A 252 4.70 -15.03 -2.45
N LEU A 253 4.47 -14.00 -1.64
CA LEU A 253 4.16 -14.12 -0.23
C LEU A 253 2.89 -13.33 0.04
N PHE A 254 1.89 -13.98 0.63
CA PHE A 254 0.68 -13.31 1.06
C PHE A 254 0.65 -13.26 2.58
N ILE A 255 0.51 -12.06 3.14
CA ILE A 255 0.44 -11.88 4.58
C ILE A 255 -1.01 -11.62 4.95
N GLU A 256 -1.65 -12.60 5.57
CA GLU A 256 -3.04 -12.55 5.95
C GLU A 256 -3.21 -11.86 7.29
N SER A 257 -4.26 -11.03 7.40
CA SER A 257 -4.61 -10.38 8.64
C SER A 257 -5.51 -11.28 9.48
N ASP A 258 -5.27 -11.28 10.79
CA ASP A 258 -6.08 -12.04 11.73
C ASP A 258 -6.61 -11.10 12.80
N PRO A 259 -7.93 -10.79 12.80
CA PRO A 259 -8.95 -11.42 11.97
C PRO A 259 -9.22 -10.79 10.60
N GLY A 260 -8.56 -9.68 10.27
CA GLY A 260 -8.86 -8.99 9.04
C GLY A 260 -10.12 -8.16 9.17
N PHE A 261 -10.55 -7.59 8.04
CA PHE A 261 -11.80 -6.81 8.02
C PHE A 261 -12.40 -6.92 6.62
N PHE A 262 -13.46 -7.71 6.50
CA PHE A 262 -14.10 -8.01 5.21
C PHE A 262 -13.05 -8.42 4.18
N SER A 263 -12.09 -9.24 4.62
CA SER A 263 -10.94 -9.61 3.83
C SER A 263 -11.07 -10.98 3.16
N ASN A 264 -12.21 -11.66 3.34
N ASN A 264 -12.20 -11.66 3.34
CA ASN A 264 -12.32 -13.03 2.84
CA ASN A 264 -12.33 -13.03 2.83
C ASN A 264 -12.10 -13.10 1.32
C ASN A 264 -12.09 -13.09 1.33
N ALA A 265 -12.67 -12.15 0.58
CA ALA A 265 -12.47 -12.13 -0.87
C ALA A 265 -11.01 -11.86 -1.23
N ILE A 266 -10.29 -11.11 -0.39
CA ILE A 266 -8.87 -10.90 -0.63
C ILE A 266 -8.11 -12.22 -0.47
N VAL A 267 -8.37 -12.94 0.60
CA VAL A 267 -7.67 -14.21 0.84
C VAL A 267 -8.00 -15.21 -0.25
N GLU A 268 -9.28 -15.35 -0.59
CA GLU A 268 -9.68 -16.30 -1.62
C GLU A 268 -9.07 -15.94 -2.97
N GLY A 269 -9.04 -14.64 -3.29
CA GLY A 269 -8.39 -14.24 -4.53
C GLY A 269 -6.90 -14.52 -4.53
N ALA A 270 -6.23 -14.30 -3.39
CA ALA A 270 -4.80 -14.58 -3.27
C ALA A 270 -4.50 -16.06 -3.49
N LYS A 271 -5.42 -16.93 -3.06
CA LYS A 271 -5.21 -18.37 -3.19
C LYS A 271 -5.22 -18.82 -4.65
N LYS A 272 -5.70 -18.00 -5.58
CA LYS A 272 -5.69 -18.38 -6.99
C LYS A 272 -4.37 -18.10 -7.67
N PHE A 273 -3.41 -17.46 -6.99
CA PHE A 273 -2.11 -17.19 -7.60
C PHE A 273 -1.15 -18.30 -7.23
N PRO A 274 -0.60 -19.01 -8.19
CA PRO A 274 0.36 -20.09 -7.87
C PRO A 274 1.63 -19.53 -7.24
N ASN A 275 2.37 -20.44 -6.62
CA ASN A 275 3.69 -20.13 -6.03
C ASN A 275 3.55 -19.05 -4.94
N THR A 276 2.56 -19.24 -4.06
CA THR A 276 2.34 -18.32 -2.95
C THR A 276 2.56 -19.01 -1.62
N GLU A 277 3.43 -18.40 -0.81
CA GLU A 277 3.60 -18.73 0.61
C GLU A 277 2.62 -17.91 1.43
N PHE A 278 1.88 -18.58 2.32
CA PHE A 278 0.85 -17.94 3.14
C PHE A 278 1.29 -17.89 4.59
N VAL A 279 1.28 -16.68 5.16
CA VAL A 279 1.55 -16.46 6.57
C VAL A 279 0.42 -15.61 7.13
N LYS A 280 0.38 -15.50 8.46
CA LYS A 280 -0.70 -14.78 9.14
C LYS A 280 -0.11 -13.98 10.28
N VAL A 281 -0.56 -12.72 10.42
CA VAL A 281 -0.18 -11.88 11.55
C VAL A 281 -1.43 -11.20 12.10
N LYS A 282 -1.29 -10.66 13.31
CA LYS A 282 -2.37 -9.92 13.95
C LYS A 282 -2.68 -8.64 13.18
N GLY A 283 -3.96 -8.37 12.99
CA GLY A 283 -4.35 -7.07 12.46
C GLY A 283 -5.73 -7.08 11.87
N LEU A 284 -6.20 -5.86 11.55
CA LEU A 284 -7.45 -5.65 10.86
C LEU A 284 -7.18 -5.32 9.39
N HIS A 285 -6.93 -4.05 9.07
CA HIS A 285 -6.47 -3.69 7.74
C HIS A 285 -5.05 -3.15 7.72
N PHE A 286 -4.71 -2.23 8.62
CA PHE A 286 -3.37 -1.63 8.66
C PHE A 286 -2.47 -2.44 9.59
N LEU A 287 -2.25 -3.70 9.15
CA LEU A 287 -1.61 -4.71 10.00
C LEU A 287 -0.17 -4.37 10.34
N GLN A 288 0.48 -3.50 9.57
CA GLN A 288 1.82 -3.04 9.91
C GLN A 288 1.87 -2.41 11.30
N GLU A 289 0.76 -1.84 11.76
CA GLU A 289 0.75 -1.16 13.05
C GLU A 289 0.53 -2.11 14.21
N ASP A 290 0.05 -3.31 13.93
CA ASP A 290 -0.18 -4.31 14.98
C ASP A 290 0.87 -5.41 15.01
N ALA A 291 1.50 -5.74 13.89
CA ALA A 291 2.48 -6.82 13.89
C ALA A 291 3.68 -6.51 13.00
N PRO A 292 4.34 -5.35 13.16
CA PRO A 292 5.42 -5.01 12.21
C PRO A 292 6.63 -5.93 12.29
N ASP A 293 6.97 -6.43 13.47
CA ASP A 293 8.18 -7.24 13.57
C ASP A 293 7.93 -8.67 13.05
N GLU A 294 6.77 -9.24 13.37
CA GLU A 294 6.40 -10.51 12.75
C GLU A 294 6.37 -10.38 11.23
N MET A 295 5.80 -9.28 10.72
N MET A 295 5.81 -9.29 10.72
CA MET A 295 5.75 -9.09 9.28
CA MET A 295 5.75 -9.09 9.28
C MET A 295 7.16 -8.98 8.70
C MET A 295 7.16 -8.97 8.70
N GLY A 296 8.01 -8.17 9.34
CA GLY A 296 9.37 -7.99 8.85
C GLY A 296 10.16 -9.28 8.84
N LYS A 297 9.98 -10.11 9.87
CA LYS A 297 10.65 -11.40 9.92
C LYS A 297 10.16 -12.34 8.82
N TYR A 298 8.84 -12.37 8.58
CA TYR A 298 8.32 -13.20 7.49
C TYR A 298 8.87 -12.74 6.15
N ILE A 299 8.86 -11.42 5.90
CA ILE A 299 9.35 -10.92 4.63
C ILE A 299 10.84 -11.17 4.47
N LYS A 300 11.62 -10.95 5.54
CA LYS A 300 13.05 -11.23 5.48
C LYS A 300 13.33 -12.68 5.10
N SER A 301 12.63 -13.62 5.75
CA SER A 301 12.83 -15.05 5.44
C SER A 301 12.42 -15.37 4.01
N PHE A 302 11.31 -14.80 3.55
CA PHE A 302 10.87 -15.02 2.18
C PHE A 302 11.89 -14.47 1.19
N VAL A 303 12.40 -13.26 1.42
CA VAL A 303 13.38 -12.69 0.51
C VAL A 303 14.64 -13.55 0.47
N GLU A 304 15.12 -13.99 1.64
CA GLU A 304 16.30 -14.85 1.68
C GLU A 304 16.07 -16.14 0.90
N ARG A 305 14.90 -16.74 1.06
CA ARG A 305 14.58 -17.97 0.32
C ARG A 305 14.53 -17.72 -1.18
N VAL A 306 13.92 -16.60 -1.59
CA VAL A 306 13.86 -16.29 -3.02
C VAL A 306 15.27 -16.09 -3.58
N LEU A 307 16.12 -15.37 -2.85
CA LEU A 307 17.47 -15.11 -3.34
C LEU A 307 18.29 -16.39 -3.39
N LYS A 308 18.12 -17.25 -2.39
CA LYS A 308 18.88 -18.50 -2.33
C LYS A 308 18.49 -19.43 -3.46
N ASN A 309 17.20 -19.49 -3.79
CA ASN A 309 16.71 -20.39 -4.83
C ASN A 309 16.93 -19.85 -6.24
N GLU A 310 17.27 -18.58 -6.39
CA GLU A 310 17.43 -17.98 -7.71
C GLU A 310 18.51 -18.67 -8.54
O33 CEI B . -12.26 -1.10 -2.10
C2 CEI B . -11.61 -2.01 -1.74
C10 CEI B . -10.28 -2.31 -2.44
C11 CEI B . -10.27 -3.74 -3.02
C12 CEI B . -11.01 -4.01 -4.16
C13 CEI B . -10.99 -5.30 -4.69
C14 CEI B . -10.25 -6.30 -4.09
O17 CEI B . -10.23 -7.59 -4.63
C15 CEI B . -9.52 -6.01 -2.94
C16 CEI B . -9.53 -4.73 -2.41
N1 CEI B . -12.01 -2.87 -0.64
C9 CEI B . -13.25 -2.68 0.11
C8 CEI B . -13.68 -3.75 0.89
C26 CEI B . -12.85 -5.04 0.92
C27 CEI B . -13.35 -5.98 -0.18
C28 CEI B . -14.71 -6.19 -0.34
C29 CEI B . -15.18 -7.04 -1.33
C30 CEI B . -14.27 -7.68 -2.17
C31 CEI B . -12.91 -7.49 -2.00
C32 CEI B . -12.44 -6.63 -1.01
N7 CEI B . -14.78 -3.65 1.60
C6 CEI B . -15.48 -2.52 1.55
C5 CEI B . -15.06 -1.45 0.77
N4 CEI B . -13.94 -1.55 0.06
C19 CEI B . -16.77 -2.44 2.37
C20 CEI B . -17.19 -3.56 3.07
C21 CEI B . -18.35 -3.53 3.81
C22 CEI B . -19.12 -2.37 3.85
O25 CEI B . -20.30 -2.35 4.60
C23 CEI B . -18.70 -1.25 3.14
C24 CEI B . -17.54 -1.28 2.40
C1 GOL C . 1.10 19.16 -16.39
O1 GOL C . 2.42 19.34 -15.97
C2 GOL C . 0.26 20.36 -15.96
O2 GOL C . 0.82 21.50 -16.55
C3 GOL C . -1.15 20.23 -16.55
O3 GOL C . -1.55 18.89 -16.39
C1 GOL D . 11.42 6.25 21.12
O1 GOL D . 12.02 5.77 19.95
C2 GOL D . 11.64 7.75 21.23
O2 GOL D . 13.04 7.96 21.24
C3 GOL D . 11.01 8.43 20.01
O3 GOL D . 11.22 9.80 20.00
C1 GOL E . -7.79 9.26 -16.46
O1 GOL E . -9.04 9.61 -15.92
C2 GOL E . -6.77 9.37 -15.35
O2 GOL E . -5.53 8.95 -15.85
C3 GOL E . -6.65 10.78 -14.81
O3 GOL E . -5.60 11.46 -15.46
C1 GOL F . 10.01 -20.13 5.28
O1 GOL F . 10.84 -19.94 6.40
C2 GOL F . 10.86 -19.84 4.05
O2 GOL F . 10.52 -20.78 3.06
C3 GOL F . 10.60 -18.47 3.46
O3 GOL F . 10.07 -18.65 2.18
#